data_7Q37
#
_entry.id   7Q37
#
_cell.length_a   50.897
_cell.length_b   40.381
_cell.length_c   60.619
_cell.angle_alpha   90.00
_cell.angle_beta   101.36
_cell.angle_gamma   90.00
#
_symmetry.space_group_name_H-M   'P 1 2 1'
#
loop_
_entity.id
_entity.type
_entity.pdbx_description
1 polymer Bacteriorhodopsin
2 non-polymer RETINAL
3 non-polymer EICOSANE
4 non-polymer HEXANE
5 non-polymer KRYPTON
6 water water
#
_entity_poly.entity_id   1
_entity_poly.type   'polypeptide(L)'
_entity_poly.pdbx_seq_one_letter_code
;(FME)EELTYRLFMVATVGMLAGTVFLLASSREVKPEHRRGVYISALVCGIAWYHYQKMGASWESGSYDTGLRYVDWVLT
VPLMFVEVLAVTRKGAAYNEAVRNWGIAATVMIGAGYYGETSAAGSNEYWTGFVIAMATYVWLMRNLQAEGEGLKGDQAV
AFENIKNLILVGWIIYPLGYIAPVVGDFDAIREVLYTIADIINKVGLGVLVLQMARVQSGEKVS
;
_entity_poly.pdbx_strand_id   A
#
loop_
_chem_comp.id
_chem_comp.type
_chem_comp.name
_chem_comp.formula
HEX non-polymer HEXANE 'C6 H14'
KR non-polymer KRYPTON Kr
LFA non-polymer EICOSANE 'C20 H42'
RET non-polymer RETINAL 'C20 H28 O'
#
# COMPACT_ATOMS: atom_id res chain seq x y z
N FME A 1 -18.90 16.59 -3.68
CN FME A 1 -19.95 15.94 -3.15
CN FME A 1 -20.00 15.92 -3.26
O1 FME A 1 -20.93 16.48 -2.63
O1 FME A 1 -20.04 14.73 -2.92
CA FME A 1 -17.56 16.03 -3.66
CA FME A 1 -17.56 16.04 -3.65
CB FME A 1 -16.55 16.98 -4.32
CB FME A 1 -16.55 16.99 -4.31
CG FME A 1 -15.86 16.37 -5.53
CG FME A 1 -15.81 16.36 -5.48
SD FME A 1 -14.81 17.57 -6.40
SD FME A 1 -14.80 17.58 -6.37
CE FME A 1 -15.01 17.01 -8.08
CE FME A 1 -15.05 17.02 -8.06
C FME A 1 -17.11 15.71 -2.21
O FME A 1 -16.52 14.65 -1.99
N GLU A 2 -17.39 16.65 -1.29
CA GLU A 2 -17.17 16.53 0.13
C GLU A 2 -17.92 15.30 0.68
N GLU A 3 -19.21 15.14 0.34
CA GLU A 3 -20.05 14.06 0.91
C GLU A 3 -19.65 12.70 0.30
N LEU A 4 -19.33 12.66 -1.00
CA LEU A 4 -18.77 11.46 -1.69
C LEU A 4 -17.47 11.05 -0.99
N THR A 5 -16.56 12.00 -0.74
CA THR A 5 -15.27 11.73 -0.06
C THR A 5 -15.54 11.09 1.31
N TYR A 6 -16.49 11.60 2.07
CA TYR A 6 -16.86 11.05 3.39
C TYR A 6 -17.39 9.60 3.27
N ARG A 7 -18.34 9.37 2.36
CA ARG A 7 -18.93 8.02 2.19
C ARG A 7 -17.82 7.04 1.77
N LEU A 8 -16.85 7.48 0.98
CA LEU A 8 -15.77 6.56 0.50
C LEU A 8 -14.85 6.19 1.67
N PHE A 9 -14.56 7.10 2.60
CA PHE A 9 -13.78 6.78 3.82
C PHE A 9 -14.52 5.67 4.62
N MET A 10 -15.83 5.74 4.68
CA MET A 10 -16.66 4.83 5.52
C MET A 10 -16.74 3.49 4.80
N VAL A 11 -16.94 3.51 3.49
CA VAL A 11 -16.91 2.25 2.69
C VAL A 11 -15.54 1.60 2.91
N ALA A 12 -14.46 2.37 2.82
CA ALA A 12 -13.08 1.85 2.90
C ALA A 12 -12.80 1.39 4.33
N THR A 13 -13.31 2.07 5.35
CA THR A 13 -13.19 1.60 6.75
C THR A 13 -13.72 0.15 6.86
N VAL A 14 -14.93 -0.12 6.36
CA VAL A 14 -15.55 -1.46 6.48
C VAL A 14 -14.81 -2.43 5.54
N GLY A 15 -14.38 -1.93 4.38
CA GLY A 15 -13.59 -2.75 3.45
C GLY A 15 -12.31 -3.27 4.12
N MET A 16 -11.62 -2.42 4.89
CA MET A 16 -10.33 -2.84 5.48
C MET A 16 -10.62 -3.84 6.60
N LEU A 17 -11.70 -3.65 7.36
CA LEU A 17 -12.06 -4.60 8.43
C LEU A 17 -12.38 -5.96 7.79
N ALA A 18 -13.17 -5.94 6.74
CA ALA A 18 -13.53 -7.15 5.97
C ALA A 18 -12.26 -7.81 5.43
N GLY A 19 -11.32 -7.04 4.85
CA GLY A 19 -9.99 -7.54 4.45
C GLY A 19 -9.34 -8.23 5.63
N THR A 20 -9.25 -7.54 6.76
CA THR A 20 -8.59 -8.11 7.95
C THR A 20 -9.21 -9.48 8.24
N VAL A 21 -10.53 -9.54 8.45
CA VAL A 21 -11.16 -10.75 9.06
C VAL A 21 -11.33 -11.80 7.97
N PHE A 22 -11.60 -11.42 6.71
CA PHE A 22 -11.62 -12.38 5.57
C PHE A 22 -10.27 -13.13 5.54
N LEU A 23 -9.14 -12.42 5.63
CA LEU A 23 -7.80 -13.05 5.50
C LEU A 23 -7.58 -13.99 6.69
N LEU A 24 -7.90 -13.56 7.90
CA LEU A 24 -7.72 -14.38 9.11
C LEU A 24 -8.49 -15.70 8.93
N ALA A 25 -9.75 -15.64 8.53
CA ALA A 25 -10.62 -16.82 8.36
C ALA A 25 -10.09 -17.69 7.23
N SER A 26 -9.60 -17.07 6.15
CA SER A 26 -9.01 -17.76 4.96
C SER A 26 -7.71 -18.52 5.32
N SER A 27 -7.06 -18.20 6.43
CA SER A 27 -5.77 -18.83 6.85
C SER A 27 -5.89 -20.35 7.04
N ARG A 28 -7.10 -20.86 7.28
CA ARG A 28 -7.35 -22.32 7.44
C ARG A 28 -7.30 -23.03 6.07
N GLU A 29 -7.35 -22.28 4.96
CA GLU A 29 -7.38 -22.82 3.56
C GLU A 29 -5.97 -23.22 3.08
N VAL A 30 -4.92 -22.88 3.83
CA VAL A 30 -3.50 -23.10 3.43
C VAL A 30 -2.75 -23.81 4.56
N LYS A 31 -1.67 -24.51 4.21
CA LYS A 31 -0.87 -25.31 5.17
C LYS A 31 -0.24 -24.34 6.18
N PRO A 32 -0.11 -24.72 7.47
CA PRO A 32 0.42 -23.82 8.49
C PRO A 32 1.72 -23.11 8.08
N GLU A 33 2.56 -23.76 7.28
CA GLU A 33 3.91 -23.26 6.95
C GLU A 33 3.84 -22.07 5.98
N HIS A 34 2.72 -21.84 5.31
CA HIS A 34 2.56 -20.75 4.30
C HIS A 34 1.55 -19.70 4.81
N ARG A 35 1.36 -19.59 6.12
CA ARG A 35 0.29 -18.77 6.73
C ARG A 35 0.82 -17.40 7.11
N ARG A 36 2.13 -17.26 7.31
CA ARG A 36 2.73 -16.01 7.84
C ARG A 36 2.36 -14.80 6.94
N GLY A 37 2.42 -14.95 5.61
CA GLY A 37 2.09 -13.88 4.64
C GLY A 37 0.64 -13.42 4.79
N VAL A 38 -0.25 -14.37 5.08
CA VAL A 38 -1.72 -14.12 5.26
C VAL A 38 -1.89 -13.31 6.55
N TYR A 39 -1.19 -13.68 7.60
CA TYR A 39 -1.27 -12.99 8.92
C TYR A 39 -0.76 -11.56 8.76
N ILE A 40 0.31 -11.35 7.99
CA ILE A 40 0.85 -9.98 7.80
C ILE A 40 -0.11 -9.13 6.98
N SER A 41 -0.71 -9.70 5.93
CA SER A 41 -1.73 -8.98 5.10
C SER A 41 -2.93 -8.59 5.96
N ALA A 42 -3.35 -9.45 6.87
CA ALA A 42 -4.44 -9.15 7.84
C ALA A 42 -3.99 -8.00 8.75
N LEU A 43 -2.76 -8.03 9.24
CA LEU A 43 -2.22 -6.94 10.08
C LEU A 43 -2.13 -5.63 9.27
N VAL A 44 -1.78 -5.71 8.00
CA VAL A 44 -1.77 -4.49 7.13
C VAL A 44 -3.21 -3.99 7.01
N CYS A 45 -4.17 -4.87 6.72
CA CYS A 45 -5.60 -4.45 6.61
C CYS A 45 -6.05 -3.86 7.95
N GLY A 46 -5.51 -4.33 9.07
CA GLY A 46 -6.00 -4.00 10.42
C GLY A 46 -5.51 -2.65 10.87
N ILE A 47 -4.26 -2.34 10.59
CA ILE A 47 -3.66 -1.00 10.80
C ILE A 47 -4.44 0.02 9.97
N ALA A 48 -4.67 -0.27 8.69
CA ALA A 48 -5.44 0.58 7.76
C ALA A 48 -6.86 0.82 8.34
N TRP A 49 -7.54 -0.24 8.77
CA TRP A 49 -8.88 -0.12 9.38
C TRP A 49 -8.81 0.96 10.45
N TYR A 50 -7.78 0.88 11.29
CA TYR A 50 -7.69 1.72 12.50
C TYR A 50 -7.52 3.17 12.04
N HIS A 51 -6.76 3.39 10.98
CA HIS A 51 -6.45 4.75 10.49
C HIS A 51 -7.61 5.24 9.67
N TYR A 52 -8.23 4.39 8.87
CA TYR A 52 -9.42 4.82 8.09
C TYR A 52 -10.52 5.27 9.06
N GLN A 53 -10.69 4.63 10.22
CA GLN A 53 -11.69 5.12 11.22
C GLN A 53 -11.35 6.57 11.55
N LYS A 54 -10.08 6.85 11.84
CA LYS A 54 -9.59 8.19 12.24
C LYS A 54 -9.79 9.18 11.09
N MET A 55 -9.50 8.77 9.85
CA MET A 55 -9.49 9.66 8.66
C MET A 55 -10.92 10.09 8.34
N GLY A 56 -11.88 9.18 8.46
CA GLY A 56 -13.32 9.43 8.30
C GLY A 56 -13.82 10.47 9.27
N ALA A 57 -13.60 10.26 10.56
CA ALA A 57 -13.87 11.26 11.63
C ALA A 57 -13.14 12.57 11.35
N SER A 58 -11.87 12.54 10.94
CA SER A 58 -11.08 13.77 10.65
C SER A 58 -11.70 14.54 9.50
N TRP A 59 -12.05 13.87 8.41
CA TRP A 59 -12.74 14.47 7.24
C TRP A 59 -14.09 15.08 7.67
N GLU A 60 -14.91 14.33 8.42
CA GLU A 60 -16.28 14.75 8.86
C GLU A 60 -16.18 15.98 9.76
N SER A 61 -15.06 16.15 10.49
CA SER A 61 -14.85 17.29 11.42
C SER A 61 -14.87 18.60 10.62
N GLY A 62 -14.36 18.60 9.40
CA GLY A 62 -14.06 19.82 8.63
C GLY A 62 -12.63 20.29 8.83
N SER A 63 -11.81 19.55 9.56
CA SER A 63 -10.36 19.84 9.69
C SER A 63 -9.58 18.56 9.41
N TYR A 64 -9.43 18.20 8.14
CA TYR A 64 -8.82 16.91 7.75
C TYR A 64 -7.33 16.95 8.09
N ASP A 65 -6.81 15.87 8.68
CA ASP A 65 -5.37 15.69 8.95
C ASP A 65 -4.78 14.62 8.01
N THR A 66 -4.06 15.03 6.95
CA THR A 66 -3.41 14.09 6.00
C THR A 66 -2.31 13.28 6.72
N GLY A 67 -1.87 13.72 7.89
CA GLY A 67 -0.92 13.00 8.77
C GLY A 67 -1.38 11.59 9.06
N LEU A 68 -2.69 11.38 9.20
CA LEU A 68 -3.26 10.06 9.56
C LEU A 68 -3.02 9.09 8.42
N ARG A 69 -3.13 9.56 7.17
CA ARG A 69 -2.88 8.73 5.97
C ARG A 69 -1.39 8.38 5.91
N TYR A 70 -0.51 9.36 6.06
CA TYR A 70 0.94 9.20 5.84
C TYR A 70 1.53 8.31 6.95
N VAL A 71 1.07 8.46 8.18
CA VAL A 71 1.46 7.53 9.27
C VAL A 71 0.99 6.10 8.91
N ASP A 72 -0.20 5.94 8.37
CA ASP A 72 -0.69 4.61 7.95
C ASP A 72 0.30 4.01 6.94
N TRP A 73 0.72 4.82 5.97
CA TRP A 73 1.61 4.40 4.86
C TRP A 73 3.00 4.03 5.40
N VAL A 74 3.54 4.77 6.39
CA VAL A 74 4.93 4.48 6.88
C VAL A 74 4.94 3.12 7.57
N LEU A 75 3.83 2.72 8.18
CA LEU A 75 3.78 1.42 8.88
C LEU A 75 3.50 0.31 7.86
N THR A 76 2.55 0.51 6.96
CA THR A 76 1.96 -0.61 6.19
C THR A 76 2.85 -0.94 5.01
N VAL A 77 3.41 0.07 4.33
CA VAL A 77 4.23 -0.19 3.11
C VAL A 77 5.43 -1.09 3.46
N PRO A 78 6.18 -0.84 4.54
CA PRO A 78 7.28 -1.75 4.85
C PRO A 78 6.79 -3.16 5.22
N LEU A 79 5.64 -3.28 5.87
CA LEU A 79 5.06 -4.61 6.16
C LEU A 79 4.72 -5.32 4.85
N MET A 80 4.20 -4.59 3.85
CA MET A 80 3.88 -5.17 2.53
C MET A 80 5.18 -5.65 1.85
N PHE A 81 6.31 -4.95 2.01
CA PHE A 81 7.62 -5.41 1.46
C PHE A 81 8.17 -6.62 2.21
N VAL A 82 8.03 -6.66 3.54
CA VAL A 82 8.36 -7.87 4.36
C VAL A 82 7.70 -9.11 3.71
N GLU A 83 6.46 -8.98 3.22
CA GLU A 83 5.72 -10.12 2.62
C GLU A 83 6.40 -10.53 1.30
N VAL A 84 6.57 -9.58 0.41
CA VAL A 84 6.93 -9.82 -1.00
C VAL A 84 8.34 -10.37 -1.06
N LEU A 85 9.26 -9.76 -0.31
CA LEU A 85 10.69 -10.16 -0.27
C LEU A 85 10.83 -11.58 0.26
N ALA A 86 9.95 -12.02 1.17
CA ALA A 86 9.98 -13.38 1.75
C ALA A 86 9.72 -14.43 0.66
N VAL A 87 9.07 -14.10 -0.45
CA VAL A 87 8.87 -15.12 -1.52
C VAL A 87 10.23 -15.54 -2.06
N THR A 88 11.20 -14.62 -2.21
CA THR A 88 12.41 -14.82 -3.06
C THR A 88 13.70 -14.86 -2.24
N ARG A 89 13.65 -14.51 -0.94
CA ARG A 89 14.87 -14.25 -0.16
C ARG A 89 14.79 -14.86 1.23
N LYS A 90 15.95 -15.28 1.74
CA LYS A 90 16.12 -15.66 3.17
C LYS A 90 17.54 -15.32 3.62
N GLY A 91 17.72 -15.30 4.94
CA GLY A 91 18.96 -14.93 5.62
C GLY A 91 19.34 -13.50 5.30
N ALA A 92 20.65 -13.22 5.24
CA ALA A 92 21.24 -11.90 4.98
C ALA A 92 20.57 -11.24 3.77
N ALA A 93 20.31 -11.96 2.69
CA ALA A 93 19.68 -11.46 1.46
C ALA A 93 18.28 -10.87 1.77
N TYR A 94 17.47 -11.55 2.58
CA TYR A 94 16.17 -11.04 3.06
C TYR A 94 16.37 -9.81 3.95
N ASN A 95 17.26 -9.88 4.93
CA ASN A 95 17.48 -8.79 5.94
C ASN A 95 17.99 -7.53 5.23
N GLU A 96 18.87 -7.67 4.25
CA GLU A 96 19.44 -6.49 3.54
C GLU A 96 18.34 -5.80 2.69
N ALA A 97 17.59 -6.53 1.87
CA ALA A 97 16.46 -6.00 1.05
C ALA A 97 15.43 -5.32 1.95
N VAL A 98 15.03 -5.98 3.02
CA VAL A 98 14.01 -5.40 3.95
C VAL A 98 14.55 -4.08 4.51
N ARG A 99 15.82 -4.04 4.90
CA ARG A 99 16.46 -2.82 5.42
C ARG A 99 16.40 -1.74 4.34
N ASN A 100 16.97 -2.05 3.18
CA ASN A 100 17.20 -1.10 2.07
C ASN A 100 15.84 -0.61 1.55
N TRP A 101 14.89 -1.51 1.25
CA TRP A 101 13.54 -1.11 0.76
C TRP A 101 12.83 -0.29 1.83
N GLY A 102 12.91 -0.69 3.10
CA GLY A 102 12.34 0.04 4.25
C GLY A 102 12.80 1.49 4.31
N ILE A 103 14.09 1.73 4.16
CA ILE A 103 14.68 3.10 4.13
C ILE A 103 14.05 3.87 2.96
N ALA A 104 14.08 3.32 1.76
CA ALA A 104 13.55 3.94 0.53
C ALA A 104 12.09 4.33 0.71
N ALA A 105 11.27 3.42 1.20
CA ALA A 105 9.83 3.65 1.47
C ALA A 105 9.66 4.84 2.42
N THR A 106 10.41 4.88 3.53
CA THR A 106 10.26 5.92 4.56
C THR A 106 10.66 7.26 3.92
N VAL A 107 11.71 7.29 3.10
CA VAL A 107 12.12 8.55 2.42
C VAL A 107 11.01 8.96 1.43
N MET A 108 10.49 8.01 0.66
CA MET A 108 9.38 8.26 -0.29
C MET A 108 8.23 8.86 0.48
N ILE A 109 7.82 8.24 1.57
CA ILE A 109 6.58 8.70 2.25
C ILE A 109 6.86 10.04 2.94
N GLY A 110 8.01 10.19 3.59
CA GLY A 110 8.38 11.46 4.27
C GLY A 110 8.41 12.66 3.33
N ALA A 111 9.02 12.51 2.17
CA ALA A 111 9.11 13.56 1.12
C ALA A 111 7.69 13.98 0.67
N GLY A 112 6.81 12.99 0.47
CA GLY A 112 5.42 13.20 0.08
C GLY A 112 4.72 14.00 1.13
N TYR A 113 4.94 13.65 2.39
CA TYR A 113 4.36 14.38 3.54
C TYR A 113 4.85 15.84 3.48
N TYR A 114 6.16 16.05 3.39
CA TYR A 114 6.78 17.40 3.32
C TYR A 114 6.09 18.23 2.24
N GLY A 115 5.92 17.68 1.04
CA GLY A 115 5.32 18.38 -0.11
C GLY A 115 3.82 18.52 0.01
N GLU A 116 3.12 17.52 0.51
CA GLU A 116 1.65 17.58 0.61
C GLU A 116 1.25 18.68 1.60
N THR A 117 1.98 18.85 2.70
CA THR A 117 1.70 19.86 3.76
C THR A 117 2.27 21.24 3.38
N SER A 118 2.79 21.41 2.17
CA SER A 118 3.06 22.73 1.54
C SER A 118 1.86 23.14 0.66
N ALA A 119 1.84 24.41 0.24
CA ALA A 119 0.87 24.95 -0.75
C ALA A 119 1.03 24.17 -2.05
N ALA A 120 -0.08 23.70 -2.61
CA ALA A 120 -0.13 23.00 -3.91
C ALA A 120 0.55 23.89 -4.93
N GLY A 121 1.53 23.39 -5.69
CA GLY A 121 2.19 24.05 -6.82
C GLY A 121 3.44 24.82 -6.41
N SER A 122 3.66 24.99 -5.11
CA SER A 122 4.86 25.62 -4.50
C SER A 122 6.11 24.76 -4.72
N ASN A 123 7.29 25.35 -4.52
CA ASN A 123 8.58 24.71 -4.85
C ASN A 123 8.75 23.53 -3.89
N GLU A 124 8.20 23.66 -2.68
CA GLU A 124 8.19 22.61 -1.64
C GLU A 124 7.33 21.46 -2.14
N TYR A 125 6.17 21.75 -2.71
CA TYR A 125 5.23 20.74 -3.24
C TYR A 125 5.94 19.90 -4.31
N TRP A 126 6.65 20.55 -5.22
CA TRP A 126 7.35 19.87 -6.35
C TRP A 126 8.58 19.13 -5.84
N THR A 127 9.26 19.67 -4.82
CA THR A 127 10.51 19.07 -4.27
C THR A 127 10.14 17.70 -3.69
N GLY A 128 9.10 17.71 -2.84
CA GLY A 128 8.49 16.51 -2.27
C GLY A 128 8.17 15.51 -3.38
N PHE A 129 7.48 15.95 -4.43
CA PHE A 129 7.00 15.07 -5.51
C PHE A 129 8.19 14.37 -6.17
N VAL A 130 9.20 15.17 -6.54
CA VAL A 130 10.32 14.67 -7.38
C VAL A 130 11.16 13.68 -6.56
N ILE A 131 11.44 13.99 -5.30
CA ILE A 131 12.27 13.10 -4.44
C ILE A 131 11.50 11.78 -4.21
N ALA A 132 10.19 11.85 -4.02
CA ALA A 132 9.33 10.66 -3.80
C ALA A 132 9.23 9.85 -5.09
N MET A 133 9.03 10.48 -6.25
CA MET A 133 8.93 9.82 -7.57
C MET A 133 10.22 9.06 -7.86
N ALA A 134 11.37 9.68 -7.60
CA ALA A 134 12.67 9.02 -7.85
C ALA A 134 12.76 7.75 -7.01
N THR A 135 12.47 7.86 -5.72
CA THR A 135 12.56 6.72 -4.77
C THR A 135 11.60 5.61 -5.20
N TYR A 136 10.39 6.01 -5.57
CA TYR A 136 9.30 5.15 -6.10
C TYR A 136 9.86 4.37 -7.29
N VAL A 137 10.54 5.05 -8.20
CA VAL A 137 11.05 4.39 -9.43
C VAL A 137 12.14 3.40 -9.02
N TRP A 138 12.92 3.74 -8.00
CA TRP A 138 14.01 2.85 -7.50
C TRP A 138 13.37 1.56 -6.95
N LEU A 139 12.30 1.71 -6.18
CA LEU A 139 11.61 0.55 -5.56
C LEU A 139 11.01 -0.32 -6.66
N MET A 140 10.33 0.28 -7.64
CA MET A 140 9.59 -0.48 -8.70
C MET A 140 10.57 -1.27 -9.56
N ARG A 141 11.71 -0.66 -9.90
CA ARG A 141 12.78 -1.30 -10.69
C ARG A 141 13.43 -2.44 -9.87
N ASN A 142 13.65 -2.25 -8.58
CA ASN A 142 14.08 -3.34 -7.67
C ASN A 142 13.03 -4.47 -7.73
N LEU A 143 11.75 -4.12 -7.60
CA LEU A 143 10.65 -5.11 -7.58
C LEU A 143 10.64 -5.87 -8.91
N GLN A 144 10.78 -5.17 -10.02
CA GLN A 144 10.74 -5.76 -11.39
C GLN A 144 11.84 -6.83 -11.48
N ALA A 145 13.00 -6.64 -10.86
CA ALA A 145 14.16 -7.56 -10.94
C ALA A 145 14.01 -8.76 -9.96
N GLU A 146 13.10 -8.74 -8.99
CA GLU A 146 12.86 -9.87 -8.06
C GLU A 146 12.18 -11.04 -8.77
N GLY A 147 12.63 -12.26 -8.45
CA GLY A 147 11.97 -13.55 -8.75
C GLY A 147 12.41 -14.19 -10.05
N GLU A 148 13.59 -13.84 -10.56
CA GLU A 148 14.20 -14.51 -11.78
C GLU A 148 14.33 -16.02 -11.58
N GLY A 149 14.47 -16.53 -10.34
CA GLY A 149 14.69 -17.96 -10.08
C GLY A 149 13.43 -18.76 -9.80
N LEU A 150 12.27 -18.13 -9.60
CA LEU A 150 10.96 -18.82 -9.40
C LEU A 150 10.55 -19.65 -10.65
N LYS A 151 9.88 -20.80 -10.45
CA LYS A 151 9.42 -21.70 -11.54
C LYS A 151 7.88 -21.85 -11.52
N GLY A 152 7.28 -22.13 -12.68
CA GLY A 152 5.90 -22.66 -12.77
C GLY A 152 4.89 -21.81 -12.03
N ASP A 153 4.03 -22.44 -11.23
CA ASP A 153 2.87 -21.77 -10.59
C ASP A 153 3.38 -20.68 -9.62
N GLN A 154 4.50 -20.91 -8.94
CA GLN A 154 5.01 -19.96 -7.94
C GLN A 154 5.44 -18.69 -8.70
N ALA A 155 5.99 -18.85 -9.90
CA ALA A 155 6.49 -17.75 -10.75
C ALA A 155 5.34 -16.84 -11.20
N VAL A 156 4.23 -17.43 -11.64
CA VAL A 156 2.99 -16.75 -12.11
C VAL A 156 2.27 -16.08 -10.93
N ALA A 157 2.11 -16.75 -9.79
CA ALA A 157 1.60 -16.17 -8.53
C ALA A 157 2.37 -14.88 -8.13
N PHE A 158 3.69 -14.89 -8.26
CA PHE A 158 4.58 -13.77 -7.82
C PHE A 158 4.48 -12.64 -8.85
N GLU A 159 4.39 -12.99 -10.13
CA GLU A 159 4.18 -12.03 -11.25
C GLU A 159 2.87 -11.29 -10.99
N ASN A 160 1.84 -11.98 -10.49
CA ASN A 160 0.55 -11.29 -10.21
C ASN A 160 0.74 -10.28 -9.06
N ILE A 161 1.47 -10.67 -8.01
CA ILE A 161 1.78 -9.72 -6.89
C ILE A 161 2.48 -8.47 -7.47
N LYS A 162 3.47 -8.68 -8.32
CA LYS A 162 4.36 -7.62 -8.84
C LYS A 162 3.55 -6.65 -9.69
N ASN A 163 2.73 -7.19 -10.60
CA ASN A 163 1.90 -6.39 -11.54
C ASN A 163 0.85 -5.60 -10.75
N LEU A 164 0.28 -6.17 -9.70
CA LEU A 164 -0.65 -5.39 -8.82
C LEU A 164 0.10 -4.18 -8.25
N ILE A 165 1.32 -4.36 -7.74
CA ILE A 165 2.11 -3.24 -7.18
C ILE A 165 2.50 -2.26 -8.32
N LEU A 166 3.07 -2.77 -9.41
CA LEU A 166 3.55 -1.98 -10.58
C LEU A 166 2.41 -1.14 -11.16
N VAL A 167 1.18 -1.65 -11.15
CA VAL A 167 0.04 -0.89 -11.74
C VAL A 167 -0.73 -0.15 -10.65
N GLY A 168 -1.02 -0.80 -9.53
CA GLY A 168 -1.86 -0.18 -8.48
C GLY A 168 -1.19 1.04 -7.82
N TRP A 169 0.13 1.08 -7.70
CA TRP A 169 0.80 2.14 -6.90
C TRP A 169 0.93 3.42 -7.74
N ILE A 170 0.66 3.34 -9.04
CA ILE A 170 0.67 4.53 -9.94
C ILE A 170 -0.44 5.49 -9.48
N ILE A 171 -1.50 4.98 -8.82
CA ILE A 171 -2.65 5.85 -8.42
C ILE A 171 -2.19 6.91 -7.40
N TYR A 172 -1.21 6.60 -6.53
CA TYR A 172 -0.74 7.54 -5.46
C TYR A 172 -0.15 8.82 -6.08
N PRO A 173 0.88 8.78 -6.96
CA PRO A 173 1.38 9.98 -7.59
C PRO A 173 0.30 10.76 -8.38
N LEU A 174 -0.69 10.08 -8.96
CA LEU A 174 -1.85 10.72 -9.67
C LEU A 174 -2.68 11.50 -8.65
N GLY A 175 -2.99 10.88 -7.52
CA GLY A 175 -3.68 11.57 -6.42
C GLY A 175 -2.90 12.79 -5.99
N TYR A 176 -1.58 12.65 -5.83
CA TYR A 176 -0.75 13.73 -5.22
C TYR A 176 -0.87 15.01 -6.06
N ILE A 177 -0.97 14.89 -7.38
CA ILE A 177 -0.97 16.05 -8.30
C ILE A 177 -2.40 16.50 -8.62
N ALA A 178 -3.43 15.73 -8.22
CA ALA A 178 -4.85 16.07 -8.55
C ALA A 178 -5.12 17.54 -8.28
N PRO A 179 -4.73 18.11 -7.11
CA PRO A 179 -5.03 19.50 -6.80
C PRO A 179 -4.32 20.56 -7.64
N VAL A 180 -3.38 20.22 -8.52
CA VAL A 180 -2.79 21.25 -9.43
C VAL A 180 -3.57 21.23 -10.74
N VAL A 181 -4.09 20.07 -11.16
CA VAL A 181 -4.88 19.92 -12.42
C VAL A 181 -6.25 20.63 -12.29
N GLY A 182 -6.80 20.77 -11.07
CA GLY A 182 -8.10 21.46 -10.88
C GLY A 182 -8.37 21.89 -9.45
N ASP A 183 -9.61 22.30 -9.17
CA ASP A 183 -10.08 22.80 -7.84
C ASP A 183 -10.56 21.59 -7.06
N PHE A 184 -9.84 20.48 -7.19
CA PHE A 184 -10.29 19.11 -6.85
C PHE A 184 -9.46 18.55 -5.69
N ASP A 185 -9.30 19.29 -4.59
CA ASP A 185 -8.57 18.83 -3.37
C ASP A 185 -9.10 17.46 -2.93
N ALA A 186 -10.42 17.32 -2.83
CA ALA A 186 -11.10 16.11 -2.34
C ALA A 186 -10.80 14.92 -3.27
N ILE A 187 -10.45 15.16 -4.52
CA ILE A 187 -10.18 14.07 -5.50
C ILE A 187 -8.85 13.38 -5.15
N ARG A 188 -7.89 14.11 -4.58
CA ARG A 188 -6.65 13.51 -4.00
C ARG A 188 -7.08 12.43 -2.99
N GLU A 189 -8.04 12.76 -2.12
CA GLU A 189 -8.45 11.88 -0.99
C GLU A 189 -9.20 10.69 -1.56
N VAL A 190 -10.03 10.92 -2.58
CA VAL A 190 -10.80 9.86 -3.31
C VAL A 190 -9.80 8.88 -3.92
N LEU A 191 -8.83 9.39 -4.66
CA LEU A 191 -7.86 8.52 -5.38
C LEU A 191 -7.01 7.72 -4.39
N TYR A 192 -6.56 8.35 -3.28
CA TYR A 192 -5.77 7.67 -2.22
C TYR A 192 -6.58 6.53 -1.59
N THR A 193 -7.85 6.74 -1.30
CA THR A 193 -8.73 5.77 -0.62
C THR A 193 -8.95 4.57 -1.56
N ILE A 194 -9.24 4.84 -2.83
CA ILE A 194 -9.46 3.75 -3.82
C ILE A 194 -8.16 2.97 -3.92
N ALA A 195 -7.03 3.66 -4.02
CA ALA A 195 -5.72 2.99 -4.18
C ALA A 195 -5.50 2.09 -2.98
N ASP A 196 -5.74 2.60 -1.78
CA ASP A 196 -5.51 1.83 -0.53
C ASP A 196 -6.37 0.57 -0.54
N ILE A 197 -7.62 0.65 -0.97
CA ILE A 197 -8.52 -0.55 -1.00
C ILE A 197 -7.97 -1.54 -2.04
N ILE A 198 -7.73 -1.07 -3.25
CA ILE A 198 -7.21 -1.98 -4.32
C ILE A 198 -5.94 -2.65 -3.81
N ASN A 199 -5.03 -1.88 -3.21
CA ASN A 199 -3.62 -2.28 -3.03
C ASN A 199 -3.52 -3.17 -1.78
N LYS A 200 -4.23 -2.84 -0.70
CA LYS A 200 -4.19 -3.61 0.57
C LYS A 200 -5.08 -4.85 0.40
N VAL A 201 -6.31 -4.68 -0.04
CA VAL A 201 -7.20 -5.86 -0.22
C VAL A 201 -6.66 -6.71 -1.40
N GLY A 202 -6.41 -6.12 -2.57
CA GLY A 202 -5.83 -6.88 -3.68
C GLY A 202 -4.59 -7.66 -3.25
N LEU A 203 -3.68 -7.08 -2.49
CA LEU A 203 -2.40 -7.77 -2.15
C LEU A 203 -2.72 -8.92 -1.22
N GLY A 204 -3.58 -8.68 -0.23
CA GLY A 204 -4.05 -9.72 0.69
C GLY A 204 -4.50 -10.94 -0.09
N VAL A 205 -5.31 -10.73 -1.11
CA VAL A 205 -5.92 -11.84 -1.91
C VAL A 205 -4.82 -12.53 -2.69
N LEU A 206 -3.89 -11.79 -3.29
CA LEU A 206 -2.82 -12.42 -4.10
C LEU A 206 -1.81 -13.11 -3.20
N VAL A 207 -1.58 -12.62 -1.99
CA VAL A 207 -0.69 -13.32 -1.04
C VAL A 207 -1.41 -14.62 -0.65
N LEU A 208 -2.72 -14.59 -0.39
CA LEU A 208 -3.51 -15.82 -0.13
C LEU A 208 -3.40 -16.77 -1.32
N GLN A 209 -3.57 -16.28 -2.56
CA GLN A 209 -3.45 -17.17 -3.75
C GLN A 209 -2.04 -17.81 -3.75
N MET A 210 -1.01 -17.06 -3.43
CA MET A 210 0.39 -17.57 -3.36
C MET A 210 0.47 -18.68 -2.29
N ALA A 211 -0.07 -18.44 -1.10
CA ALA A 211 -0.08 -19.44 0.00
C ALA A 211 -0.79 -20.73 -0.43
N ARG A 212 -1.82 -20.63 -1.27
CA ARG A 212 -2.55 -21.81 -1.84
C ARG A 212 -1.66 -22.58 -2.84
N VAL A 213 -0.97 -21.86 -3.73
CA VAL A 213 -0.04 -22.48 -4.74
C VAL A 213 1.08 -23.24 -4.03
N GLN A 214 1.69 -22.61 -3.01
CA GLN A 214 2.79 -23.18 -2.20
C GLN A 214 2.31 -24.38 -1.37
N SER A 215 1.02 -24.41 -1.01
CA SER A 215 0.35 -25.56 -0.33
C SER A 215 0.02 -26.67 -1.33
N GLY A 216 0.36 -26.50 -2.60
CA GLY A 216 0.14 -27.49 -3.67
C GLY A 216 -1.25 -27.43 -4.27
N GLU A 217 -2.08 -26.44 -3.91
CA GLU A 217 -3.44 -26.30 -4.51
C GLU A 217 -3.28 -25.80 -5.94
C1 RET B . 3.59 10.04 -2.70
C2 RET B . 4.14 11.42 -3.04
C3 RET B . 4.00 11.78 -4.45
C4 RET B . 4.76 10.78 -5.32
C5 RET B . 4.74 9.37 -4.80
C6 RET B . 4.08 8.98 -3.69
C7 RET B . 3.88 7.53 -3.41
C8 RET B . 3.11 6.95 -2.43
C9 RET B . 2.86 5.58 -2.23
C10 RET B . 1.97 5.09 -1.22
C11 RET B . 1.58 3.78 -0.96
C12 RET B . 0.66 3.35 -0.02
C13 RET B . 0.27 2.05 0.31
C14 RET B . -0.62 1.89 1.35
C15 RET B . -1.17 0.66 1.83
C16 RET B . 4.05 9.67 -1.28
C17 RET B . 2.06 10.14 -2.73
C18 RET B . 5.47 8.42 -5.72
C19 RET B . 3.45 4.56 -3.17
C20 RET B . 0.76 0.95 -0.53
C3 LFA C . 8.39 3.73 11.89
C4 LFA C . 9.12 3.75 10.55
C5 LFA C . 9.41 2.36 9.99
C6 LFA C . 8.21 1.42 9.95
C7 LFA C . 8.31 0.19 10.85
C8 LFA C . 7.49 -1.01 10.36
C9 LFA C . 6.68 -1.70 11.45
C1 LFA D . 12.91 11.65 5.50
C2 LFA D . 12.12 12.50 4.52
C3 LFA D . 12.93 13.34 3.55
C4 LFA D . 12.43 14.75 3.39
C5 LFA D . 13.04 15.52 2.23
C6 LFA D . 12.25 16.73 1.77
C7 LFA D . 13.06 18.02 1.74
C1 LFA E . 11.94 11.51 -11.17
C2 LFA E . 13.36 11.49 -11.67
C3 LFA E . 13.73 10.09 -12.12
C4 LFA E . 12.84 8.98 -11.68
C1 LFA F . 8.64 -4.22 10.56
C2 LFA F . 9.39 -4.02 9.27
C3 LFA F . 10.77 -3.43 9.46
C4 LFA F . 11.33 -2.65 8.29
C5 LFA F . 12.30 -1.54 8.65
C6 LFA F . 11.81 -0.11 8.41
C7 LFA F . 12.93 0.87 8.09
C8 LFA F . 12.71 2.28 8.58
C9 LFA F . 13.85 3.24 8.23
C3 LFA G . 6.87 5.75 -13.50
C4 LFA G . 6.27 4.39 -13.74
C5 LFA G . 6.99 3.26 -13.03
C6 LFA G . 8.30 2.87 -13.68
C7 LFA G . 8.68 1.42 -13.49
C8 LFA G . 8.17 0.50 -14.57
C9 LFA G . 6.64 0.46 -14.71
C10 LFA G . 6.14 -0.57 -15.69
C1 LFA H . -2.59 -14.31 14.22
C2 LFA H . -2.03 -12.94 13.91
C3 LFA H . -3.04 -11.93 13.37
C4 LFA H . -2.52 -10.52 13.20
C5 LFA H . -3.51 -9.53 12.58
C6 LFA H . -4.71 -9.24 13.41
C7 LFA H . -5.51 -8.05 12.96
C8 LFA H . -5.05 -6.72 13.54
C9 LFA H . -6.06 -6.01 14.42
C10 LFA H . -6.16 -4.51 14.22
C11 LFA H . -4.84 -3.76 14.33
C12 LFA H . -4.95 -2.30 14.72
C13 LFA H . -3.70 -1.71 15.35
C14 LFA H . -3.92 -0.34 15.98
C15 LFA H . -2.67 0.49 16.14
C16 LFA H . -2.22 1.18 14.88
C17 LFA H . -1.06 2.13 15.06
C18 LFA H . -1.35 3.33 15.94
C19 LFA H . -0.49 4.55 15.65
C20 LFA H . -1.21 5.70 14.97
C3 LFA I . -12.27 0.02 -8.38
C4 LFA I . -12.54 -1.07 -9.38
C5 LFA I . -11.84 -2.38 -9.08
C6 LFA I . -10.99 -2.90 -10.21
C7 LFA I . -9.58 -3.28 -9.83
C8 LFA I . -9.49 -4.65 -9.18
C9 LFA I . -8.08 -5.18 -8.98
C10 LFA I . -7.96 -6.16 -7.83
C11 LFA I . -6.68 -7.00 -7.85
C12 LFA I . -6.74 -8.30 -7.05
C13 LFA I . -7.18 -9.52 -7.85
C14 LFA I . -8.09 -10.48 -7.10
C1 LFA J . -8.80 3.64 -10.73
C2 LFA J . -8.73 2.14 -10.80
C3 LFA J . -7.46 1.53 -11.36
C4 LFA J . -7.50 0.01 -11.48
C5 LFA J . -6.15 -0.69 -11.47
C6 LFA J . -6.25 -2.12 -10.94
C7 LFA J . -4.94 -2.89 -10.80
C8 LFA J . -4.86 -4.15 -11.66
C9 LFA J . -3.94 -5.25 -11.17
C10 LFA J . -3.14 -5.93 -12.29
C11 LFA J . -2.60 -7.32 -11.96
C12 LFA J . -3.55 -8.20 -11.17
C13 LFA J . -3.18 -9.66 -11.13
C14 LFA J . -4.22 -10.61 -11.68
C15 LFA J . -4.65 -11.71 -10.74
C16 LFA J . -5.52 -12.80 -11.39
C17 LFA J . -5.63 -14.07 -10.55
C1 LFA K . 7.72 25.16 -9.94
C2 LFA K . 7.24 24.98 -11.35
C3 LFA K . 7.74 23.72 -11.99
C4 LFA K . 6.70 22.64 -12.09
C5 LFA K . 7.24 21.24 -12.26
C6 LFA K . 6.33 20.38 -13.10
C7 LFA K . 6.44 18.90 -12.83
C1 LFA L . -7.35 -22.28 11.42
C2 LFA L . -6.97 -20.84 11.25
C3 LFA L . -6.85 -20.15 12.58
C4 LFA L . -7.05 -18.65 12.52
C5 LFA L . -6.30 -17.87 13.57
C6 LFA L . -6.70 -16.41 13.66
C7 LFA L . -6.46 -15.76 15.01
C8 LFA L . -7.54 -14.77 15.43
C9 LFA L . -7.10 -13.74 16.46
C10 LFA L . -7.86 -12.41 16.40
C11 LFA L . -6.98 -11.19 16.05
C12 LFA L . -6.15 -10.66 17.20
C2 LFA M . 9.22 10.09 7.74
C3 LFA M . 7.90 10.20 8.48
C4 LFA M . 6.67 10.07 7.60
C5 LFA M . 5.52 10.99 7.95
C6 LFA M . 4.90 10.72 9.28
C7 LFA M . 3.55 11.37 9.50
C8 LFA M . 3.62 12.64 10.30
C9 LFA M . 2.52 12.83 11.32
C10 LFA M . 2.72 14.05 12.23
C3 LFA N . -12.06 -9.52 0.61
C4 LFA N . -12.94 -8.72 1.53
C5 LFA N . -13.73 -7.60 0.89
C6 LFA N . -13.11 -6.21 1.02
C7 LFA N . -13.31 -5.31 -0.18
C8 LFA N . -13.60 -3.88 0.16
C1 LFA O . 17.19 10.98 -2.20
C2 LFA O . 17.05 9.60 -2.78
C3 LFA O . 16.45 9.57 -4.17
C4 LFA O . 16.82 8.39 -5.10
C5 LFA O . 16.55 7.00 -4.55
C6 LFA O . 17.78 6.29 -4.00
C7 LFA O . 17.47 5.05 -3.15
C8 LFA O . 18.53 4.66 -2.13
C9 LFA O . 18.09 3.55 -1.18
C10 LFA O . 18.75 3.55 0.20
C11 LFA O . 19.24 2.18 0.67
C12 LFA O . 20.65 1.77 0.24
C1 LFA P . 3.30 4.70 16.03
C2 LFA P . 3.64 5.83 15.09
C3 LFA P . 4.89 5.59 14.28
C4 LFA P . 5.40 6.82 13.53
C5 LFA P . 6.85 6.78 13.09
C6 LFA P . 7.27 7.92 12.18
C7 LFA P . 8.54 7.65 11.38
C1 HEX Q . 9.72 7.69 -15.44
C2 HEX Q . 8.87 8.13 -14.26
C3 HEX Q . 8.86 9.62 -14.03
C4 HEX Q . 7.52 10.28 -14.30
C5 HEX Q . 7.37 11.67 -13.72
C6 HEX Q . 5.97 12.23 -13.74
C1 HEX R . -0.85 6.06 -17.46
C2 HEX R . -1.37 5.66 -16.10
C3 HEX R . -2.05 4.32 -16.07
C4 HEX R . -2.62 3.97 -14.71
C1 HEX S . 0.70 -1.34 15.24
C2 HEX S . 2.01 -1.18 14.52
C3 HEX S . 2.67 -2.50 14.18
C4 HEX S . 3.80 -2.43 13.15
C5 HEX S . 4.65 -3.69 13.10
C3 HEX T . 17.81 1.39 9.97
C4 HEX T . 18.03 0.02 10.56
C5 HEX T . 19.20 -0.77 9.99
C6 HEX T . 20.00 -1.61 10.97
C1 HEX U . 25.69 -6.57 5.72
C2 HEX U . 25.12 -5.54 6.68
C3 HEX U . 25.48 -4.13 6.34
C4 HEX U . 25.88 -3.27 7.53
C5 HEX U . 25.93 -1.77 7.26
C6 HEX U . 27.28 -1.12 7.45
KR KR V . 8.02 -1.79 -4.72
KR KR W . 10.69 -3.25 4.10
KR KR X . -8.13 -9.28 1.51
KR KR Y . -12.15 9.07 0.51
KR KR Z . 7.07 2.27 -4.47
KR KR AA . -8.51 16.00 -11.49
KR KR BA . -3.88 2.61 -12.44
KR KR CA . -6.94 6.38 -12.24
KR KR DA . -13.01 -17.13 4.20
KR KR EA . -11.97 2.39 -9.28
KR KR FA . -14.67 -1.60 -0.09
KR KR GA . -13.88 2.79 -1.30
KR KR HA . -12.46 0.21 -4.88
KR KR IA . 9.21 13.75 -11.87
KR KR JA . 7.72 17.35 -12.35
KR KR KA . 5.80 -13.74 4.98
KR KR LA . -2.23 -6.66 2.56
KR KR MA . 3.98 -13.08 -0.30
KR KR NA . -19.20 5.77 -1.41
#